data_6DGP
#
_entry.id   6DGP
#
_cell.length_a   88.090
_cell.length_b   54.730
_cell.length_c   123.471
_cell.angle_alpha   90.000
_cell.angle_beta   90.050
_cell.angle_gamma   90.000
#
_symmetry.space_group_name_H-M   'C 1 2 1'
#
loop_
_entity.id
_entity.type
_entity.pdbx_description
1 polymer 'Peroxisome proliferator-activated receptor gamma'
2 polymer 'TRAP220 Coactivator Peptide (Mediator of RNA polymerase II transcription subunit 1)'
#
loop_
_entity_poly.entity_id
_entity_poly.type
_entity_poly.pdbx_seq_one_letter_code
_entity_poly.pdbx_strand_id
1 'polypeptide(L)'
;MAHHHHHHVDDDDKMENLYFQGQLNPESADLRALAKHLYDSYIKSFPLTKAKARAILTGKTTDKSPFVIYDMNSLMMGED
KIKFKHITPLQEQSKEVAIRIFQGCQFRSVEAVQEITEYAKSIPGFVNLDLNDQVTLLKYGVHEIIYTMLASLMNKDGVL
ISEGQGFMTREFLKSLRKPFGDFMEPKFEFAVKFNALELDDSDLAIFIAVIILSGDRPGLLNVKPIEDIQDNLLQALELQ
LKLNHPESSQLFAKLLQKMTDLRQIVTEHVQLLQVIKKTETDMSLHPLLQEIYKDLY
;
A,B
2 'polypeptide(L)' NTKNHPMLMNLLKDNPAQD C,D
#
# COMPACT_ATOMS: atom_id res chain seq x y z
N GLU A 27 -10.50 -5.86 -28.01
CA GLU A 27 -10.86 -7.27 -28.10
C GLU A 27 -10.73 -7.94 -26.74
N SER A 28 -11.81 -8.58 -26.31
CA SER A 28 -11.88 -9.26 -25.04
C SER A 28 -11.48 -10.73 -25.14
N ALA A 29 -11.87 -11.40 -26.23
CA ALA A 29 -11.50 -12.79 -26.39
C ALA A 29 -9.99 -13.00 -26.56
N ASP A 30 -9.22 -11.92 -26.78
CA ASP A 30 -7.77 -12.02 -26.68
C ASP A 30 -7.33 -12.17 -25.24
N LEU A 31 -7.99 -11.44 -24.34
CA LEU A 31 -7.65 -11.49 -22.92
C LEU A 31 -8.10 -12.79 -22.28
N ARG A 32 -9.17 -13.41 -22.79
CA ARG A 32 -9.57 -14.70 -22.28
C ARG A 32 -8.58 -15.80 -22.67
N ALA A 33 -7.85 -15.59 -23.78
CA ALA A 33 -6.77 -16.49 -24.12
C ALA A 33 -5.62 -16.36 -23.12
N LEU A 34 -5.23 -15.11 -22.82
CA LEU A 34 -4.15 -14.84 -21.87
C LEU A 34 -4.53 -15.26 -20.45
N ALA A 35 -5.81 -15.13 -20.09
CA ALA A 35 -6.29 -15.55 -18.78
C ALA A 35 -6.30 -17.08 -18.63
N LYS A 36 -6.87 -17.80 -19.61
CA LYS A 36 -6.84 -19.26 -19.56
C LYS A 36 -5.41 -19.80 -19.71
N HIS A 37 -4.54 -19.06 -20.41
CA HIS A 37 -3.14 -19.48 -20.55
C HIS A 37 -2.42 -19.46 -19.21
N LEU A 38 -2.66 -18.43 -18.39
CA LEU A 38 -1.97 -18.30 -17.12
C LEU A 38 -2.54 -19.24 -16.07
N TYR A 39 -3.77 -19.75 -16.28
CA TYR A 39 -4.31 -20.82 -15.42
C TYR A 39 -3.68 -22.18 -15.75
N ASP A 40 -3.31 -22.39 -17.02
CA ASP A 40 -2.57 -23.61 -17.36
C ASP A 40 -1.19 -23.59 -16.73
N SER A 41 -0.46 -22.48 -16.88
CA SER A 41 0.86 -22.36 -16.24
C SER A 41 0.76 -22.51 -14.73
N TYR A 42 -0.26 -21.89 -14.13
CA TYR A 42 -0.44 -21.93 -12.68
C TYR A 42 -0.65 -23.35 -12.15
N ILE A 43 -1.48 -24.16 -12.83
CA ILE A 43 -1.62 -25.55 -12.42
C ILE A 43 -0.33 -26.32 -12.68
N LYS A 44 0.31 -26.05 -13.81
CA LYS A 44 1.54 -26.75 -14.14
C LYS A 44 2.69 -26.32 -13.24
N SER A 45 2.77 -25.05 -12.83
CA SER A 45 3.90 -24.62 -12.02
C SER A 45 3.66 -24.71 -10.52
N PHE A 46 2.43 -24.93 -10.06
CA PHE A 46 2.14 -24.94 -8.62
C PHE A 46 1.29 -26.17 -8.26
N PRO A 47 1.88 -27.19 -7.59
CA PRO A 47 1.15 -28.45 -7.45
C PRO A 47 0.01 -28.35 -6.46
N LEU A 48 0.17 -27.57 -5.39
CA LEU A 48 -0.90 -27.41 -4.41
C LEU A 48 -1.55 -26.07 -4.68
N THR A 49 -2.73 -26.13 -5.29
CA THR A 49 -3.54 -24.98 -5.64
C THR A 49 -4.44 -24.61 -4.46
N LYS A 50 -5.15 -23.49 -4.60
CA LYS A 50 -6.10 -23.08 -3.57
C LYS A 50 -7.22 -24.10 -3.48
N ALA A 51 -7.69 -24.61 -4.63
CA ALA A 51 -8.78 -25.56 -4.62
C ALA A 51 -8.41 -26.82 -3.83
N LYS A 52 -7.31 -27.46 -4.21
CA LYS A 52 -6.85 -28.63 -3.47
C LYS A 52 -6.66 -28.30 -1.99
N ALA A 53 -6.23 -27.06 -1.69
CA ALA A 53 -6.04 -26.65 -0.30
C ALA A 53 -7.36 -26.36 0.41
N ARG A 54 -8.34 -25.83 -0.32
CA ARG A 54 -9.66 -25.64 0.28
C ARG A 54 -10.26 -26.97 0.68
N ALA A 55 -10.24 -27.94 -0.24
CA ALA A 55 -10.75 -29.28 0.05
C ALA A 55 -10.16 -29.79 1.35
N ILE A 56 -8.86 -29.58 1.54
CA ILE A 56 -8.20 -30.03 2.77
C ILE A 56 -8.67 -29.22 3.97
N LEU A 57 -8.70 -27.88 3.84
CA LEU A 57 -9.01 -27.03 4.99
C LEU A 57 -10.46 -27.15 5.40
N THR A 58 -11.35 -27.23 4.41
CA THR A 58 -12.75 -27.58 4.63
C THR A 58 -12.80 -29.05 5.05
N GLY A 59 -12.60 -29.28 6.35
CA GLY A 59 -12.56 -30.60 6.93
C GLY A 59 -13.83 -31.40 6.73
N LYS A 60 -14.87 -30.75 6.18
CA LYS A 60 -16.03 -31.47 5.71
C LYS A 60 -15.68 -32.40 4.55
N THR A 61 -14.56 -32.13 3.87
CA THR A 61 -13.93 -33.07 2.94
C THR A 61 -12.84 -33.86 3.67
N THR A 62 -13.27 -34.60 4.70
CA THR A 62 -12.38 -35.41 5.54
C THR A 62 -11.89 -36.67 4.82
N ASP A 63 -11.53 -36.53 3.54
CA ASP A 63 -11.00 -37.64 2.74
C ASP A 63 -9.68 -38.17 3.29
N LYS A 64 -8.80 -37.28 3.76
CA LYS A 64 -7.50 -37.71 4.26
C LYS A 64 -6.91 -36.55 5.09
N SER A 65 -7.32 -36.48 6.35
CA SER A 65 -7.05 -35.30 7.17
C SER A 65 -5.56 -35.15 7.47
N PRO A 66 -5.13 -33.93 7.84
CA PRO A 66 -3.74 -33.71 8.22
C PRO A 66 -3.48 -33.67 9.71
N PHE A 67 -2.19 -33.75 10.06
CA PHE A 67 -1.75 -33.86 11.44
C PHE A 67 -1.61 -32.48 12.07
N VAL A 68 -2.43 -32.20 13.07
CA VAL A 68 -2.42 -30.87 13.66
C VAL A 68 -1.24 -30.72 14.61
N ILE A 69 -0.51 -29.62 14.48
CA ILE A 69 0.61 -29.30 15.34
C ILE A 69 0.24 -28.03 16.11
N TYR A 70 -0.13 -28.20 17.40
CA TYR A 70 -0.66 -27.14 18.22
C TYR A 70 0.20 -26.80 19.44
N ASP A 71 1.26 -27.59 19.71
CA ASP A 71 2.22 -27.27 20.78
C ASP A 71 3.52 -28.02 20.50
N MET A 72 4.47 -27.89 21.43
CA MET A 72 5.82 -28.42 21.21
C MET A 72 5.82 -29.96 21.18
N ASN A 73 4.85 -30.56 21.87
CA ASN A 73 4.72 -32.03 21.97
C ASN A 73 4.12 -32.59 20.69
N SER A 74 3.07 -31.95 20.20
CA SER A 74 2.53 -32.41 18.92
C SER A 74 3.44 -32.05 17.74
N LEU A 75 4.43 -31.18 17.96
CA LEU A 75 5.40 -30.89 16.92
C LEU A 75 6.38 -32.05 16.78
N MET A 76 6.95 -32.50 17.89
CA MET A 76 7.83 -33.66 17.84
C MET A 76 7.11 -34.88 17.26
N MET A 77 5.79 -34.96 17.45
CA MET A 77 5.05 -36.11 16.86
C MET A 77 4.79 -35.81 15.40
N GLY A 78 5.07 -34.58 14.95
CA GLY A 78 4.79 -34.21 13.55
C GLY A 78 5.56 -35.09 12.57
N GLU A 79 6.88 -34.92 12.55
CA GLU A 79 7.80 -35.67 11.66
C GLU A 79 7.47 -37.17 11.60
N ASP A 80 7.82 -37.90 12.67
CA ASP A 80 7.56 -39.37 12.72
C ASP A 80 6.44 -39.65 11.72
N LYS A 81 5.29 -39.02 11.94
CA LYS A 81 4.13 -39.11 11.01
C LYS A 81 4.42 -38.24 9.78
N ILE A 82 3.83 -37.05 9.68
CA ILE A 82 4.00 -36.22 8.45
C ILE A 82 5.48 -35.94 8.21
N LYS A 83 6.12 -36.79 7.42
CA LYS A 83 7.58 -36.75 7.10
C LYS A 83 8.11 -35.33 6.92
N PHE A 84 9.19 -35.00 7.63
CA PHE A 84 9.86 -33.68 7.50
C PHE A 84 11.29 -33.89 6.98
N GLU A 96 16.54 -26.47 18.74
CA GLU A 96 15.40 -25.72 19.27
C GLU A 96 14.22 -25.80 18.34
N VAL A 97 13.02 -25.75 18.89
CA VAL A 97 11.82 -25.79 18.05
C VAL A 97 11.78 -24.57 17.14
N ALA A 98 11.97 -23.37 17.71
CA ALA A 98 11.83 -22.14 16.92
C ALA A 98 12.80 -22.11 15.76
N ILE A 99 14.02 -22.59 15.98
CA ILE A 99 14.96 -22.66 14.88
C ILE A 99 14.54 -23.73 13.89
N ARG A 100 14.02 -24.86 14.40
CA ARG A 100 13.68 -25.98 13.53
C ARG A 100 12.48 -25.64 12.65
N ILE A 101 11.53 -24.88 13.18
CA ILE A 101 10.38 -24.41 12.40
C ILE A 101 10.83 -23.38 11.38
N PHE A 102 11.74 -22.50 11.76
CA PHE A 102 12.27 -21.52 10.82
C PHE A 102 12.93 -22.23 9.65
N GLN A 103 13.90 -23.11 9.94
CA GLN A 103 14.59 -23.83 8.87
C GLN A 103 13.61 -24.63 8.03
N GLY A 104 12.47 -25.01 8.60
CA GLY A 104 11.43 -25.66 7.81
C GLY A 104 10.85 -24.74 6.76
N CYS A 105 10.27 -23.61 7.20
CA CYS A 105 9.70 -22.64 6.26
C CYS A 105 10.74 -22.07 5.29
N GLN A 106 12.03 -22.27 5.59
CA GLN A 106 13.10 -21.90 4.66
C GLN A 106 13.33 -22.97 3.61
N PHE A 107 12.94 -24.21 3.90
CA PHE A 107 13.02 -25.29 2.93
C PHE A 107 11.95 -25.19 1.86
N ARG A 108 10.75 -24.76 2.26
CA ARG A 108 9.67 -24.54 1.32
C ARG A 108 9.84 -23.22 0.59
N SER A 109 10.44 -22.24 1.25
CA SER A 109 10.69 -20.96 0.60
C SER A 109 11.43 -21.15 -0.72
N VAL A 110 12.44 -22.04 -0.73
CA VAL A 110 13.21 -22.25 -1.96
C VAL A 110 12.38 -23.04 -2.98
N GLU A 111 11.56 -23.98 -2.50
CA GLU A 111 10.73 -24.76 -3.41
C GLU A 111 9.58 -23.92 -3.98
N ALA A 112 9.38 -22.72 -3.44
CA ALA A 112 8.40 -21.78 -3.97
C ALA A 112 9.02 -20.90 -5.05
N VAL A 113 10.20 -20.35 -4.75
CA VAL A 113 10.94 -19.60 -5.76
C VAL A 113 11.19 -20.46 -6.99
N GLN A 114 11.42 -21.76 -6.84
CA GLN A 114 11.63 -22.55 -8.06
C GLN A 114 10.35 -22.71 -8.85
N GLU A 115 9.21 -22.80 -8.16
CA GLU A 115 7.92 -22.87 -8.81
C GLU A 115 7.47 -21.50 -9.33
N ILE A 116 7.63 -20.46 -8.52
CA ILE A 116 7.43 -19.09 -9.00
C ILE A 116 8.29 -18.85 -10.24
N THR A 117 9.61 -19.11 -10.14
CA THR A 117 10.52 -18.84 -11.26
C THR A 117 10.13 -19.61 -12.50
N GLU A 118 9.68 -20.86 -12.35
CA GLU A 118 9.21 -21.57 -13.53
C GLU A 118 7.92 -20.91 -14.06
N TYR A 119 7.06 -20.44 -13.15
CA TYR A 119 5.86 -19.73 -13.57
C TYR A 119 6.21 -18.38 -14.19
N ALA A 120 7.22 -17.69 -13.64
CA ALA A 120 7.68 -16.44 -14.24
C ALA A 120 8.01 -16.62 -15.71
N LYS A 121 8.70 -17.74 -16.04
CA LYS A 121 9.11 -17.96 -17.42
C LYS A 121 7.94 -18.13 -18.40
N SER A 122 6.75 -18.53 -17.92
CA SER A 122 5.62 -18.83 -18.80
C SER A 122 4.72 -17.62 -19.10
N ILE A 123 5.01 -16.47 -18.52
CA ILE A 123 4.27 -15.22 -18.76
C ILE A 123 4.79 -14.61 -20.05
N PRO A 124 3.94 -14.41 -21.07
CA PRO A 124 4.45 -14.06 -22.40
C PRO A 124 5.35 -12.83 -22.36
N GLY A 125 6.48 -12.91 -23.07
CA GLY A 125 7.44 -11.84 -23.07
C GLY A 125 8.36 -11.81 -21.86
N PHE A 126 8.15 -12.68 -20.86
CA PHE A 126 9.06 -12.65 -19.72
C PHE A 126 10.44 -13.18 -20.10
N VAL A 127 10.50 -14.23 -20.95
CA VAL A 127 11.80 -14.76 -21.35
C VAL A 127 12.55 -13.76 -22.24
N ASN A 128 11.83 -12.92 -22.99
CA ASN A 128 12.42 -11.96 -23.92
C ASN A 128 12.90 -10.67 -23.26
N LEU A 129 12.73 -10.53 -21.96
CA LEU A 129 13.12 -9.30 -21.31
C LEU A 129 14.61 -9.32 -20.96
N ASP A 130 15.17 -8.13 -20.78
CA ASP A 130 16.56 -7.96 -20.39
C ASP A 130 16.89 -8.85 -19.21
N LEU A 131 17.68 -9.90 -19.45
CA LEU A 131 17.87 -10.94 -18.44
C LEU A 131 18.41 -10.38 -17.13
N ASN A 132 19.01 -9.17 -17.13
CA ASN A 132 19.37 -8.55 -15.86
C ASN A 132 18.15 -8.06 -15.09
N ASP A 133 17.09 -7.63 -15.79
CA ASP A 133 15.87 -7.24 -15.10
C ASP A 133 15.00 -8.43 -14.73
N GLN A 134 15.07 -9.55 -15.48
CA GLN A 134 14.40 -10.77 -15.05
C GLN A 134 14.85 -11.19 -13.66
N VAL A 135 16.08 -10.86 -13.29
CA VAL A 135 16.54 -11.14 -11.94
C VAL A 135 15.96 -10.13 -10.95
N THR A 136 15.89 -8.84 -11.35
CA THR A 136 15.28 -7.81 -10.50
C THR A 136 13.80 -8.09 -10.25
N LEU A 137 13.09 -8.53 -11.30
CA LEU A 137 11.69 -8.92 -11.15
C LEU A 137 11.53 -10.01 -10.12
N LEU A 138 12.32 -11.07 -10.23
CA LEU A 138 12.23 -12.14 -9.26
C LEU A 138 12.62 -11.64 -7.88
N LYS A 139 13.73 -10.92 -7.77
CA LYS A 139 14.28 -10.64 -6.46
C LYS A 139 13.28 -9.89 -5.58
N TYR A 140 12.63 -8.87 -6.13
CA TYR A 140 11.68 -8.04 -5.38
C TYR A 140 10.26 -8.61 -5.39
N GLY A 141 9.87 -9.30 -6.47
CA GLY A 141 8.51 -9.78 -6.59
C GLY A 141 8.20 -11.13 -5.98
N VAL A 142 9.20 -11.87 -5.49
CA VAL A 142 8.98 -13.28 -5.20
C VAL A 142 8.27 -13.49 -3.86
N HIS A 143 8.72 -12.84 -2.79
CA HIS A 143 8.05 -13.03 -1.51
C HIS A 143 6.60 -12.57 -1.58
N GLU A 144 6.33 -11.53 -2.39
CA GLU A 144 4.96 -11.07 -2.57
C GLU A 144 4.08 -12.18 -3.13
N ILE A 145 4.61 -12.99 -4.06
CA ILE A 145 3.86 -14.14 -4.54
C ILE A 145 3.75 -15.21 -3.46
N ILE A 146 4.80 -15.40 -2.65
CA ILE A 146 4.74 -16.39 -1.59
C ILE A 146 3.58 -16.08 -0.65
N TYR A 147 3.56 -14.86 -0.16
CA TYR A 147 2.51 -14.49 0.78
C TYR A 147 1.15 -14.52 0.13
N THR A 148 1.06 -14.20 -1.15
CA THR A 148 -0.21 -14.31 -1.87
C THR A 148 -0.69 -15.76 -1.86
N MET A 149 0.17 -16.65 -2.34
CA MET A 149 -0.24 -18.03 -2.37
C MET A 149 -0.23 -18.67 -0.99
N LEU A 150 0.52 -18.10 -0.04
CA LEU A 150 0.44 -18.66 1.32
C LEU A 150 -0.95 -18.44 1.92
N ALA A 151 -1.63 -17.38 1.49
CA ALA A 151 -2.94 -17.12 2.05
C ALA A 151 -3.92 -18.21 1.68
N SER A 152 -3.67 -18.87 0.54
CA SER A 152 -4.46 -20.05 0.16
C SER A 152 -4.44 -21.12 1.25
N LEU A 153 -3.24 -21.45 1.78
CA LEU A 153 -3.10 -22.53 2.75
C LEU A 153 -3.48 -22.13 4.17
N MET A 154 -4.04 -20.94 4.35
CA MET A 154 -4.30 -20.38 5.68
C MET A 154 -5.79 -20.20 5.92
N ASN A 155 -6.14 -20.17 7.21
CA ASN A 155 -7.46 -19.71 7.67
C ASN A 155 -7.26 -19.04 9.02
N LYS A 156 -8.34 -18.79 9.76
CA LYS A 156 -8.23 -18.01 10.99
C LYS A 156 -7.26 -18.62 12.00
N ASP A 157 -6.98 -19.92 11.91
CA ASP A 157 -6.39 -20.66 13.02
C ASP A 157 -5.04 -21.26 12.73
N GLY A 158 -4.74 -21.58 11.47
CA GLY A 158 -3.43 -22.08 11.12
C GLY A 158 -3.21 -22.11 9.62
N VAL A 159 -2.21 -22.90 9.24
CA VAL A 159 -1.68 -22.91 7.89
C VAL A 159 -1.43 -24.36 7.49
N LEU A 160 -1.93 -24.75 6.31
CA LEU A 160 -1.50 -26.03 5.72
C LEU A 160 0.00 -26.00 5.49
N ILE A 161 0.67 -27.02 6.00
CA ILE A 161 2.11 -27.14 5.83
C ILE A 161 2.38 -28.51 5.23
N SER A 162 3.62 -28.67 4.71
CA SER A 162 4.12 -29.94 4.21
C SER A 162 3.14 -30.61 3.24
N GLU A 163 3.03 -30.06 2.02
CA GLU A 163 2.14 -30.57 0.98
C GLU A 163 0.71 -30.77 1.44
N GLY A 164 0.29 -30.15 2.52
CA GLY A 164 -1.07 -30.32 2.98
C GLY A 164 -1.27 -31.49 3.91
N GLN A 165 -0.17 -32.11 4.35
CA GLN A 165 -0.17 -33.19 5.31
C GLN A 165 -0.14 -32.69 6.74
N GLY A 166 0.25 -31.44 6.94
CA GLY A 166 0.27 -30.82 8.24
C GLY A 166 -0.74 -29.69 8.34
N PHE A 167 -0.75 -29.07 9.51
CA PHE A 167 -1.58 -27.92 9.84
C PHE A 167 -1.08 -27.29 11.11
N MET A 168 -0.09 -26.42 10.99
CA MET A 168 0.52 -25.79 12.16
C MET A 168 -0.35 -24.63 12.64
N THR A 169 -0.52 -24.53 13.96
CA THR A 169 -1.47 -23.59 14.52
C THR A 169 -0.92 -22.17 14.56
N ARG A 170 -1.83 -21.21 14.36
CA ARG A 170 -1.48 -19.79 14.51
C ARG A 170 -1.07 -19.49 15.95
N GLU A 171 -1.86 -19.96 16.93
CA GLU A 171 -1.51 -19.65 18.31
C GLU A 171 -0.19 -20.27 18.70
N PHE A 172 0.02 -21.54 18.37
CA PHE A 172 1.31 -22.15 18.64
C PHE A 172 2.44 -21.31 18.06
N LEU A 173 2.29 -20.83 16.83
CA LEU A 173 3.33 -20.00 16.22
C LEU A 173 3.48 -18.65 16.94
N LYS A 174 2.37 -18.04 17.37
CA LYS A 174 2.48 -16.79 18.11
C LYS A 174 3.21 -17.02 19.44
N SER A 175 2.79 -18.03 20.18
CA SER A 175 3.52 -18.53 21.35
C SER A 175 4.77 -19.31 20.93
N LEU A 176 5.68 -18.60 20.27
CA LEU A 176 7.06 -19.02 20.04
C LEU A 176 8.00 -18.04 20.75
N ARG A 177 9.30 -18.31 20.61
CA ARG A 177 10.34 -17.47 21.22
C ARG A 177 10.21 -16.05 20.71
N LYS A 178 10.69 -15.11 21.54
CA LYS A 178 10.51 -13.68 21.32
C LYS A 178 10.75 -13.20 19.89
N PRO A 179 11.90 -13.41 19.25
CA PRO A 179 12.10 -12.86 17.89
C PRO A 179 11.22 -13.54 16.84
N PHE A 180 10.57 -14.66 17.18
CA PHE A 180 9.76 -15.42 16.25
C PHE A 180 8.27 -15.37 16.54
N GLY A 181 7.87 -14.89 17.72
CA GLY A 181 6.46 -14.80 18.04
C GLY A 181 5.69 -13.91 17.10
N ASP A 182 6.39 -13.23 16.19
CA ASP A 182 5.83 -12.26 15.25
C ASP A 182 6.40 -12.49 13.85
N PHE A 183 6.73 -13.74 13.52
CA PHE A 183 7.22 -14.07 12.18
C PHE A 183 6.07 -14.42 11.24
N MET A 184 5.15 -15.27 11.70
CA MET A 184 4.03 -15.62 10.84
C MET A 184 2.78 -14.82 11.12
N GLU A 185 2.63 -14.26 12.31
CA GLU A 185 1.38 -13.55 12.61
C GLU A 185 1.05 -12.44 11.63
N PRO A 186 1.99 -11.57 11.23
CA PRO A 186 1.66 -10.58 10.19
C PRO A 186 1.02 -11.19 8.96
N LYS A 187 1.55 -12.33 8.51
CA LYS A 187 1.03 -13.00 7.31
C LYS A 187 -0.39 -13.53 7.54
N PHE A 188 -0.67 -14.02 8.75
CA PHE A 188 -2.00 -14.48 9.07
C PHE A 188 -3.01 -13.36 9.09
N GLU A 189 -2.58 -12.13 9.47
CA GLU A 189 -3.51 -11.01 9.51
C GLU A 189 -3.86 -10.56 8.11
N PHE A 190 -2.87 -10.59 7.21
CA PHE A 190 -3.07 -10.19 5.83
C PHE A 190 -3.94 -11.20 5.11
N ALA A 191 -3.65 -12.49 5.33
CA ALA A 191 -4.34 -13.54 4.61
C ALA A 191 -5.83 -13.54 4.90
N VAL A 192 -6.19 -13.23 6.14
CA VAL A 192 -7.61 -13.16 6.51
C VAL A 192 -8.33 -12.05 5.73
N LYS A 193 -7.70 -10.87 5.67
CA LYS A 193 -8.26 -9.81 4.84
C LYS A 193 -8.28 -10.22 3.37
N PHE A 194 -7.24 -10.93 2.94
CA PHE A 194 -7.08 -11.22 1.51
C PHE A 194 -8.07 -12.28 1.05
N ASN A 195 -8.23 -13.36 1.82
CA ASN A 195 -9.07 -14.46 1.37
C ASN A 195 -10.54 -14.11 1.34
N ALA A 196 -10.94 -13.03 2.03
CA ALA A 196 -12.31 -12.53 2.00
C ALA A 196 -12.72 -12.01 0.62
N LEU A 197 -11.76 -11.74 -0.25
CA LEU A 197 -12.08 -11.43 -1.63
C LEU A 197 -12.58 -12.62 -2.44
N GLU A 198 -12.48 -13.84 -1.90
CA GLU A 198 -12.99 -15.03 -2.58
C GLU A 198 -12.28 -15.26 -3.92
N LEU A 199 -10.98 -14.95 -4.03
CA LEU A 199 -10.33 -15.20 -5.31
C LEU A 199 -10.13 -16.69 -5.53
N ASP A 200 -10.23 -17.14 -6.79
CA ASP A 200 -9.95 -18.55 -7.04
C ASP A 200 -8.64 -18.64 -7.82
N ASP A 201 -8.29 -19.87 -8.21
CA ASP A 201 -7.01 -20.11 -8.86
C ASP A 201 -6.89 -19.38 -10.20
N SER A 202 -7.99 -19.35 -10.97
CA SER A 202 -7.97 -18.63 -12.24
C SER A 202 -7.77 -17.14 -12.02
N ASP A 203 -8.45 -16.59 -11.02
CA ASP A 203 -8.20 -15.24 -10.58
C ASP A 203 -6.70 -15.08 -10.26
N LEU A 204 -6.26 -15.70 -9.16
CA LEU A 204 -4.91 -15.56 -8.61
C LEU A 204 -3.79 -15.59 -9.66
N ALA A 205 -3.81 -16.58 -10.56
CA ALA A 205 -2.90 -16.66 -11.69
C ALA A 205 -2.55 -15.29 -12.29
N ILE A 206 -3.53 -14.59 -12.86
CA ILE A 206 -3.21 -13.32 -13.53
C ILE A 206 -2.63 -12.34 -12.53
N PHE A 207 -3.27 -12.23 -11.35
CA PHE A 207 -2.78 -11.35 -10.29
C PHE A 207 -1.33 -11.67 -9.95
N ILE A 208 -0.98 -12.95 -10.00
CA ILE A 208 0.40 -13.36 -9.79
C ILE A 208 1.29 -12.74 -10.86
N ALA A 209 0.89 -12.90 -12.13
CA ALA A 209 1.68 -12.33 -13.22
C ALA A 209 1.83 -10.82 -13.05
N VAL A 210 0.72 -10.12 -12.75
CA VAL A 210 0.74 -8.67 -12.55
C VAL A 210 1.81 -8.28 -11.53
N ILE A 211 1.83 -8.96 -10.36
CA ILE A 211 2.80 -8.60 -9.33
C ILE A 211 4.22 -8.74 -9.85
N ILE A 212 4.47 -9.81 -10.63
CA ILE A 212 5.84 -10.08 -11.05
C ILE A 212 6.35 -8.94 -11.92
N LEU A 213 5.51 -8.48 -12.85
CA LEU A 213 5.85 -7.44 -13.83
C LEU A 213 5.53 -6.06 -13.25
N SER A 214 6.56 -5.34 -12.82
CA SER A 214 6.43 -4.10 -12.08
C SER A 214 7.56 -3.16 -12.46
N GLY A 215 7.28 -1.87 -12.56
CA GLY A 215 8.28 -0.91 -12.94
C GLY A 215 8.90 -0.29 -11.72
N ASP A 216 8.11 -0.25 -10.66
CA ASP A 216 8.53 0.28 -9.37
C ASP A 216 9.83 -0.34 -8.88
N ARG A 217 10.14 -1.58 -9.30
CA ARG A 217 11.26 -2.29 -8.69
C ARG A 217 12.50 -1.44 -8.82
N PRO A 218 13.24 -1.19 -7.73
CA PRO A 218 14.51 -0.48 -7.81
C PRO A 218 15.48 -1.19 -8.73
N GLY A 219 16.17 -0.42 -9.57
CA GLY A 219 17.24 -0.98 -10.37
C GLY A 219 16.81 -1.66 -11.64
N LEU A 220 15.59 -1.41 -12.09
CA LEU A 220 15.19 -1.90 -13.41
C LEU A 220 15.85 -1.05 -14.49
N LEU A 221 16.29 -1.71 -15.56
CA LEU A 221 17.00 -1.06 -16.66
C LEU A 221 16.01 -0.57 -17.70
N ASN A 222 15.39 -1.52 -18.40
CA ASN A 222 14.34 -1.23 -19.37
C ASN A 222 13.01 -1.24 -18.64
N VAL A 223 12.73 -0.14 -17.92
CA VAL A 223 11.41 -0.01 -17.28
C VAL A 223 10.31 -0.03 -18.34
N LYS A 224 10.63 0.40 -19.57
CA LYS A 224 9.57 0.59 -20.57
C LYS A 224 8.91 -0.71 -20.99
N PRO A 225 9.63 -1.77 -21.38
CA PRO A 225 8.93 -3.00 -21.82
C PRO A 225 8.27 -3.79 -20.70
N ILE A 226 8.63 -3.54 -19.44
CA ILE A 226 7.95 -4.23 -18.35
C ILE A 226 6.55 -3.68 -18.17
N GLU A 227 6.40 -2.35 -18.23
CA GLU A 227 5.07 -1.74 -18.05
C GLU A 227 4.14 -2.07 -19.21
N ASP A 228 4.69 -2.33 -20.40
CA ASP A 228 3.86 -2.63 -21.56
C ASP A 228 3.07 -3.91 -21.35
N ILE A 229 3.73 -4.96 -20.83
CA ILE A 229 3.09 -6.26 -20.60
C ILE A 229 2.19 -6.22 -19.37
N GLN A 230 2.61 -5.52 -18.30
CA GLN A 230 1.77 -5.41 -17.11
C GLN A 230 0.38 -4.91 -17.49
N ASP A 231 0.32 -3.84 -18.29
CA ASP A 231 -0.96 -3.29 -18.72
C ASP A 231 -1.81 -4.36 -19.41
N ASN A 232 -1.17 -5.24 -20.19
CA ASN A 232 -1.86 -6.39 -20.75
C ASN A 232 -2.46 -7.28 -19.66
N LEU A 233 -1.64 -7.70 -18.69
CA LEU A 233 -2.12 -8.51 -17.58
C LEU A 233 -3.22 -7.80 -16.80
N LEU A 234 -3.00 -6.53 -16.48
CA LEU A 234 -3.98 -5.71 -15.78
C LEU A 234 -5.31 -5.68 -16.52
N GLN A 235 -5.27 -5.36 -17.81
CA GLN A 235 -6.47 -5.49 -18.62
C GLN A 235 -7.02 -6.91 -18.52
N ALA A 236 -6.15 -7.91 -18.72
CA ALA A 236 -6.58 -9.29 -18.58
C ALA A 236 -7.15 -9.56 -17.19
N LEU A 237 -6.50 -9.03 -16.15
CA LEU A 237 -6.99 -9.19 -14.79
C LEU A 237 -8.37 -8.58 -14.62
N GLU A 238 -8.52 -7.33 -15.09
CA GLU A 238 -9.74 -6.57 -14.85
C GLU A 238 -10.95 -7.31 -15.44
N LEU A 239 -10.79 -7.85 -16.65
CA LEU A 239 -11.88 -8.52 -17.34
C LEU A 239 -12.21 -9.85 -16.68
N GLN A 240 -11.17 -10.64 -16.40
CA GLN A 240 -11.31 -11.87 -15.62
C GLN A 240 -12.07 -11.63 -14.33
N LEU A 241 -11.82 -10.51 -13.65
CA LEU A 241 -12.51 -10.28 -12.38
C LEU A 241 -13.99 -10.00 -12.59
N LYS A 242 -14.33 -9.19 -13.61
CA LYS A 242 -15.74 -8.87 -13.84
C LYS A 242 -16.54 -10.10 -14.28
N LEU A 243 -15.95 -10.93 -15.17
CA LEU A 243 -16.57 -12.19 -15.58
C LEU A 243 -16.82 -13.12 -14.40
N ASN A 244 -15.79 -13.39 -13.60
CA ASN A 244 -15.88 -14.42 -12.55
C ASN A 244 -16.51 -13.88 -11.25
N HIS A 245 -16.48 -12.56 -11.04
CA HIS A 245 -17.07 -11.94 -9.86
C HIS A 245 -17.83 -10.69 -10.30
N PRO A 246 -18.95 -10.87 -11.02
CA PRO A 246 -19.78 -9.71 -11.39
C PRO A 246 -20.55 -9.14 -10.21
N GLU A 247 -20.92 -9.98 -9.26
CA GLU A 247 -21.73 -9.60 -8.11
C GLU A 247 -20.91 -8.94 -7.01
N SER A 248 -19.66 -8.57 -7.29
CA SER A 248 -18.85 -7.73 -6.40
C SER A 248 -18.23 -6.64 -7.27
N SER A 249 -18.79 -5.43 -7.21
CA SER A 249 -18.23 -4.34 -7.98
C SER A 249 -17.07 -3.73 -7.21
N GLN A 250 -16.18 -3.09 -8.00
CA GLN A 250 -14.94 -2.51 -7.50
C GLN A 250 -14.13 -3.56 -6.71
N LEU A 251 -14.08 -4.77 -7.28
CA LEU A 251 -13.18 -5.85 -6.87
C LEU A 251 -11.78 -5.70 -7.47
N PHE A 252 -11.71 -5.45 -8.80
CA PHE A 252 -10.44 -5.11 -9.41
C PHE A 252 -9.83 -3.94 -8.68
N ALA A 253 -10.67 -2.99 -8.28
CA ALA A 253 -10.23 -1.97 -7.35
C ALA A 253 -9.62 -2.58 -6.09
N LYS A 254 -10.39 -3.39 -5.36
CA LYS A 254 -9.96 -3.79 -4.01
C LYS A 254 -8.67 -4.59 -4.03
N LEU A 255 -8.53 -5.49 -5.01
CA LEU A 255 -7.35 -6.33 -5.13
C LEU A 255 -6.06 -5.52 -5.22
N LEU A 256 -6.06 -4.44 -6.03
CA LEU A 256 -4.82 -3.69 -6.28
C LEU A 256 -4.32 -2.99 -5.03
N GLN A 257 -5.22 -2.64 -4.11
CA GLN A 257 -4.75 -2.05 -2.86
C GLN A 257 -3.95 -3.07 -2.07
N LYS A 258 -4.27 -4.35 -2.26
CA LYS A 258 -3.55 -5.39 -1.56
C LYS A 258 -2.18 -5.62 -2.17
N MET A 259 -1.93 -5.10 -3.39
CA MET A 259 -0.61 -5.26 -4.00
C MET A 259 0.44 -4.43 -3.29
N THR A 260 0.02 -3.36 -2.64
CA THR A 260 0.93 -2.51 -1.90
C THR A 260 1.08 -2.97 -0.46
N ASP A 261 -0.01 -3.49 0.13
CA ASP A 261 0.05 -4.20 1.40
C ASP A 261 1.09 -5.33 1.40
N LEU A 262 1.28 -5.98 0.26
CA LEU A 262 2.30 -7.02 0.14
C LEU A 262 3.68 -6.47 0.42
N ARG A 263 4.04 -5.35 -0.22
CA ARG A 263 5.39 -4.79 -0.04
C ARG A 263 5.69 -4.44 1.42
N GLN A 264 4.68 -3.96 2.18
CA GLN A 264 4.89 -3.76 3.61
C GLN A 264 5.23 -5.06 4.35
N ILE A 265 4.43 -6.13 4.15
CA ILE A 265 4.82 -7.43 4.67
C ILE A 265 6.27 -7.74 4.32
N VAL A 266 6.60 -7.72 3.03
CA VAL A 266 7.96 -8.09 2.61
C VAL A 266 8.99 -7.25 3.36
N THR A 267 8.90 -5.92 3.23
CA THR A 267 9.84 -5.03 3.91
C THR A 267 9.99 -5.37 5.38
N GLU A 268 8.93 -5.14 6.16
CA GLU A 268 8.98 -5.45 7.59
C GLU A 268 9.59 -6.82 7.85
N HIS A 269 9.20 -7.82 7.06
CA HIS A 269 9.78 -9.15 7.22
C HIS A 269 11.27 -9.13 6.90
N VAL A 270 11.66 -8.47 5.81
CA VAL A 270 13.07 -8.34 5.46
C VAL A 270 13.87 -7.78 6.63
N GLN A 271 13.39 -6.68 7.24
CA GLN A 271 14.17 -6.03 8.29
C GLN A 271 14.14 -6.80 9.60
N LEU A 272 13.03 -7.51 9.90
CA LEU A 272 13.03 -8.35 11.09
C LEU A 272 13.86 -9.61 10.90
N LEU A 273 14.01 -10.06 9.66
CA LEU A 273 14.94 -11.14 9.34
C LEU A 273 16.39 -10.72 9.55
N GLN A 274 16.66 -9.43 9.68
CA GLN A 274 18.04 -9.02 9.83
C GLN A 274 18.45 -8.90 11.30
N VAL A 275 17.57 -8.34 12.15
CA VAL A 275 17.91 -8.24 13.57
C VAL A 275 18.06 -9.62 14.18
N ILE A 276 17.40 -10.62 13.60
CA ILE A 276 17.66 -11.99 14.03
C ILE A 276 19.03 -12.45 13.54
N LYS A 277 19.48 -11.98 12.38
CA LYS A 277 20.81 -12.35 11.92
C LYS A 277 21.89 -11.83 12.86
N LYS A 278 21.58 -10.79 13.64
CA LYS A 278 22.52 -10.26 14.63
C LYS A 278 22.61 -11.17 15.86
N THR A 279 21.47 -11.63 16.38
CA THR A 279 21.47 -12.38 17.64
C THR A 279 21.60 -13.87 17.45
N GLU A 280 21.45 -14.39 16.23
CA GLU A 280 21.35 -15.83 15.99
C GLU A 280 22.39 -16.26 14.97
N THR A 281 23.68 -16.18 15.34
CA THR A 281 24.72 -16.75 14.49
C THR A 281 24.65 -18.28 14.46
N ASP A 282 23.74 -18.88 15.23
CA ASP A 282 23.44 -20.31 15.13
C ASP A 282 22.88 -20.67 13.77
N MET A 283 22.18 -19.72 13.14
CA MET A 283 21.49 -20.01 11.89
C MET A 283 22.44 -19.93 10.70
N SER A 284 22.12 -20.73 9.67
CA SER A 284 22.80 -20.69 8.38
C SER A 284 21.71 -20.61 7.32
N LEU A 285 21.43 -19.40 6.84
CA LEU A 285 20.37 -19.18 5.87
C LEU A 285 20.79 -19.64 4.47
N HIS A 286 19.82 -20.20 3.75
CA HIS A 286 20.05 -20.82 2.45
C HIS A 286 20.74 -19.85 1.49
N PRO A 287 21.54 -20.37 0.55
CA PRO A 287 22.14 -19.49 -0.47
C PRO A 287 21.14 -18.69 -1.28
N LEU A 288 20.19 -19.39 -1.91
CA LEU A 288 19.17 -18.75 -2.74
C LEU A 288 18.41 -17.67 -1.98
N LEU A 289 18.06 -17.91 -0.72
CA LEU A 289 17.28 -16.90 -0.01
C LEU A 289 18.13 -15.68 0.29
N GLN A 290 19.30 -15.88 0.89
CA GLN A 290 20.16 -14.74 1.18
C GLN A 290 20.77 -14.14 -0.07
N GLU A 291 20.66 -14.81 -1.22
CA GLU A 291 21.03 -14.19 -2.49
C GLU A 291 20.10 -13.04 -2.83
N ILE A 292 18.83 -13.13 -2.41
CA ILE A 292 17.85 -12.08 -2.67
C ILE A 292 17.58 -11.18 -1.46
N TYR A 293 18.14 -11.48 -0.30
CA TYR A 293 17.75 -10.76 0.91
C TYR A 293 18.53 -9.46 1.13
N LYS A 294 18.94 -8.78 0.05
CA LYS A 294 19.35 -7.38 0.13
C LYS A 294 18.15 -6.46 0.37
N ASP A 295 18.14 -5.82 1.54
CA ASP A 295 16.97 -5.19 2.14
C ASP A 295 16.50 -3.96 1.39
N LEU A 296 16.35 -2.85 2.12
CA LEU A 296 15.92 -1.57 1.55
C LEU A 296 14.67 -1.74 0.65
N GLU B 27 -24.95 4.42 -16.40
CA GLU B 27 -24.99 5.74 -17.05
C GLU B 27 -23.73 6.55 -16.83
N SER B 28 -23.04 6.85 -17.91
CA SER B 28 -21.83 7.64 -17.85
C SER B 28 -22.12 9.13 -17.68
N ALA B 29 -23.20 9.62 -18.28
CA ALA B 29 -23.57 11.02 -18.10
C ALA B 29 -23.94 11.35 -16.66
N ASP B 30 -24.28 10.35 -15.84
CA ASP B 30 -24.49 10.59 -14.42
C ASP B 30 -23.17 10.69 -13.67
N LEU B 31 -22.15 9.96 -14.13
CA LEU B 31 -20.81 9.93 -13.54
C LEU B 31 -19.93 11.09 -13.95
N ARG B 32 -20.41 11.96 -14.82
CA ARG B 32 -19.73 13.22 -15.10
C ARG B 32 -20.35 14.35 -14.33
N ALA B 33 -21.64 14.25 -14.02
CA ALA B 33 -22.28 15.20 -13.12
C ALA B 33 -21.70 15.08 -11.73
N LEU B 34 -21.45 13.85 -11.26
CA LEU B 34 -20.81 13.64 -9.96
C LEU B 34 -19.36 14.11 -9.97
N ALA B 35 -18.68 13.97 -11.11
CA ALA B 35 -17.29 14.41 -11.25
C ALA B 35 -17.17 15.94 -11.30
N LYS B 36 -18.09 16.61 -12.01
CA LYS B 36 -18.09 18.07 -12.04
C LYS B 36 -18.60 18.67 -10.73
N HIS B 37 -19.58 18.02 -10.09
CA HIS B 37 -20.06 18.46 -8.78
C HIS B 37 -18.93 18.50 -7.76
N LEU B 38 -18.07 17.46 -7.78
CA LEU B 38 -16.99 17.36 -6.81
C LEU B 38 -15.84 18.29 -7.15
N TYR B 39 -15.73 18.72 -8.42
CA TYR B 39 -14.75 19.74 -8.78
C TYR B 39 -15.17 21.13 -8.30
N ASP B 40 -16.46 21.45 -8.35
CA ASP B 40 -16.93 22.73 -7.81
C ASP B 40 -16.64 22.82 -6.32
N SER B 41 -17.11 21.83 -5.55
CA SER B 41 -16.80 21.74 -4.12
C SER B 41 -15.31 21.93 -3.84
N TYR B 42 -14.49 21.20 -4.60
CA TYR B 42 -13.04 21.26 -4.44
C TYR B 42 -12.52 22.68 -4.57
N ILE B 43 -13.02 23.42 -5.57
CA ILE B 43 -12.66 24.83 -5.72
C ILE B 43 -13.18 25.63 -4.54
N LYS B 44 -14.41 25.37 -4.13
CA LYS B 44 -15.00 26.15 -3.03
C LYS B 44 -14.33 25.83 -1.70
N SER B 45 -14.01 24.54 -1.45
CA SER B 45 -13.49 24.16 -0.14
C SER B 45 -11.97 24.30 -0.03
N PHE B 46 -11.25 24.48 -1.13
CA PHE B 46 -9.80 24.59 -1.10
C PHE B 46 -9.39 25.83 -1.87
N PRO B 47 -8.99 26.92 -1.20
CA PRO B 47 -8.65 28.15 -1.93
C PRO B 47 -7.39 28.03 -2.75
N LEU B 48 -6.41 27.27 -2.30
CA LEU B 48 -5.18 27.10 -3.07
C LEU B 48 -5.25 25.74 -3.74
N THR B 49 -5.36 25.75 -5.06
CA THR B 49 -5.50 24.55 -5.87
C THR B 49 -4.13 24.12 -6.38
N LYS B 50 -4.11 22.97 -7.07
CA LYS B 50 -2.87 22.52 -7.71
C LYS B 50 -2.51 23.44 -8.87
N ALA B 51 -3.53 23.95 -9.58
CA ALA B 51 -3.26 24.81 -10.73
C ALA B 51 -2.67 26.15 -10.27
N LYS B 52 -3.34 26.80 -9.32
CA LYS B 52 -2.80 28.00 -8.69
C LYS B 52 -1.35 27.78 -8.29
N ALA B 53 -1.09 26.69 -7.55
CA ALA B 53 0.23 26.47 -6.98
C ALA B 53 1.25 26.09 -8.03
N ARG B 54 0.80 25.48 -9.13
CA ARG B 54 1.72 25.15 -10.22
C ARG B 54 2.23 26.43 -10.87
N ALA B 55 1.31 27.38 -11.13
CA ALA B 55 1.67 28.68 -11.68
C ALA B 55 2.72 29.38 -10.82
N ILE B 56 2.50 29.42 -9.50
CA ILE B 56 3.52 29.95 -8.59
C ILE B 56 4.84 29.21 -8.76
N LEU B 57 4.80 27.87 -8.85
CA LEU B 57 6.00 27.07 -8.81
C LEU B 57 6.74 27.03 -10.14
N THR B 58 6.00 27.04 -11.25
CA THR B 58 6.66 26.97 -12.54
C THR B 58 7.23 28.38 -12.77
N GLY B 59 8.50 28.54 -12.41
CA GLY B 59 9.19 29.84 -12.32
C GLY B 59 9.09 30.70 -13.55
N LYS B 60 8.64 30.14 -14.68
CA LYS B 60 8.42 30.94 -15.89
C LYS B 60 7.23 31.89 -15.74
N THR B 61 6.33 31.61 -14.79
CA THR B 61 5.21 32.50 -14.46
C THR B 61 5.61 33.44 -13.31
N THR B 62 6.63 34.26 -13.55
CA THR B 62 7.26 35.10 -12.51
C THR B 62 6.40 36.32 -12.23
N ASP B 63 5.44 36.16 -11.32
CA ASP B 63 4.48 37.20 -10.95
C ASP B 63 4.31 37.14 -9.43
N LYS B 64 5.14 37.89 -8.69
CA LYS B 64 5.07 37.94 -7.23
C LYS B 64 5.65 36.67 -6.59
N SER B 65 6.90 36.36 -6.96
CA SER B 65 7.51 35.09 -6.57
C SER B 65 7.70 34.99 -5.05
N PRO B 66 7.76 33.77 -4.52
CA PRO B 66 7.84 33.57 -3.07
C PRO B 66 9.25 33.66 -2.48
N PHE B 67 9.26 33.90 -1.17
CA PHE B 67 10.49 34.15 -0.44
C PHE B 67 11.13 32.84 -0.06
N VAL B 68 12.25 32.51 -0.71
CA VAL B 68 12.87 31.22 -0.50
C VAL B 68 13.52 31.18 0.88
N ILE B 69 13.14 30.19 1.67
CA ILE B 69 13.72 29.91 2.97
C ILE B 69 14.56 28.66 2.84
N TYR B 70 15.89 28.86 2.80
CA TYR B 70 16.87 27.83 2.49
C TYR B 70 17.89 27.61 3.60
N ASP B 71 17.87 28.43 4.66
CA ASP B 71 18.72 28.24 5.84
C ASP B 71 18.13 29.04 6.99
N MET B 72 18.91 29.20 8.07
CA MET B 72 18.41 29.85 9.28
C MET B 72 18.28 31.36 9.15
N ASN B 73 19.07 31.98 8.27
CA ASN B 73 19.04 33.44 8.10
C ASN B 73 17.98 33.87 7.10
N SER B 74 17.66 33.02 6.11
CA SER B 74 16.49 33.28 5.29
C SER B 74 15.20 32.90 6.01
N LEU B 75 15.28 32.02 7.01
CA LEU B 75 14.09 31.67 7.78
C LEU B 75 13.61 32.86 8.60
N MET B 76 14.52 33.42 9.40
CA MET B 76 14.17 34.56 10.24
C MET B 76 13.78 35.77 9.41
N MET B 77 14.40 35.95 8.24
CA MET B 77 13.99 36.98 7.31
C MET B 77 12.69 36.64 6.60
N GLY B 78 12.16 35.42 6.79
CA GLY B 78 10.91 35.03 6.17
C GLY B 78 9.68 35.65 6.82
N GLU B 79 9.83 36.39 7.90
CA GLU B 79 8.68 36.94 8.62
C GLU B 79 8.44 38.42 8.32
N ASP B 80 9.48 39.25 8.27
CA ASP B 80 9.29 40.64 7.82
C ASP B 80 8.74 40.71 6.39
N LYS B 81 8.71 39.59 5.65
CA LYS B 81 7.98 39.52 4.39
C LYS B 81 6.71 38.72 4.59
N ILE B 82 6.83 37.40 4.64
CA ILE B 82 5.67 36.54 4.88
C ILE B 82 5.32 36.65 6.37
N LYS B 83 4.24 37.37 6.66
CA LYS B 83 3.76 37.45 8.04
C LYS B 83 3.39 36.07 8.53
N PHE B 84 3.94 35.67 9.68
CA PHE B 84 3.66 34.37 10.27
C PHE B 84 2.78 34.50 11.52
N GLU B 96 13.16 27.77 19.15
CA GLU B 96 14.03 27.03 18.25
C GLU B 96 13.42 26.90 16.86
N VAL B 97 14.25 27.00 15.84
CA VAL B 97 13.76 26.93 14.45
C VAL B 97 12.95 25.65 14.24
N ALA B 98 13.51 24.50 14.64
CA ALA B 98 12.83 23.23 14.38
C ALA B 98 11.47 23.15 15.08
N ILE B 99 11.37 23.70 16.29
CA ILE B 99 10.07 23.70 16.96
C ILE B 99 9.20 24.81 16.40
N ARG B 100 9.79 25.88 15.89
CA ARG B 100 8.97 26.97 15.36
C ARG B 100 8.40 26.62 13.99
N ILE B 101 9.15 25.83 13.20
CA ILE B 101 8.67 25.28 11.94
C ILE B 101 7.64 24.19 12.19
N PHE B 102 7.84 23.38 13.23
CA PHE B 102 6.84 22.36 13.56
C PHE B 102 5.53 23.03 13.95
N GLN B 103 5.61 24.14 14.69
CA GLN B 103 4.40 24.86 15.07
C GLN B 103 3.78 25.58 13.89
N GLY B 104 4.60 25.94 12.89
CA GLY B 104 4.04 26.46 11.65
C GLY B 104 3.20 25.44 10.94
N CYS B 105 3.79 24.26 10.66
CA CYS B 105 3.06 23.21 9.95
C CYS B 105 1.87 22.68 10.74
N GLN B 106 1.83 22.92 12.04
CA GLN B 106 0.70 22.51 12.86
C GLN B 106 -0.44 23.51 12.77
N PHE B 107 -0.12 24.76 12.40
CA PHE B 107 -1.14 25.79 12.21
C PHE B 107 -1.90 25.59 10.90
N ARG B 108 -1.20 25.15 9.86
CA ARG B 108 -1.87 24.89 8.60
C ARG B 108 -2.63 23.58 8.65
N SER B 109 -2.18 22.60 9.45
CA SER B 109 -2.90 21.32 9.52
C SER B 109 -4.33 21.51 10.01
N VAL B 110 -4.54 22.33 11.03
CA VAL B 110 -5.90 22.58 11.49
C VAL B 110 -6.70 23.33 10.41
N GLU B 111 -6.07 24.25 9.69
CA GLU B 111 -6.78 24.94 8.62
C GLU B 111 -7.06 24.00 7.45
N ALA B 112 -6.30 22.90 7.33
CA ALA B 112 -6.57 21.89 6.32
C ALA B 112 -7.77 21.05 6.73
N VAL B 113 -7.78 20.56 7.97
CA VAL B 113 -8.94 19.84 8.50
C VAL B 113 -10.20 20.68 8.43
N GLN B 114 -10.07 22.01 8.48
CA GLN B 114 -11.30 22.81 8.37
C GLN B 114 -11.79 22.87 6.94
N GLU B 115 -10.87 22.77 5.97
CA GLU B 115 -11.23 22.68 4.57
C GLU B 115 -11.61 21.25 4.17
N ILE B 116 -10.85 20.26 4.63
CA ILE B 116 -11.17 18.87 4.34
C ILE B 116 -12.53 18.50 4.92
N THR B 117 -12.79 18.91 6.18
CA THR B 117 -14.07 18.60 6.81
C THR B 117 -15.22 19.26 6.09
N GLU B 118 -15.04 20.51 5.68
CA GLU B 118 -16.09 21.16 4.89
C GLU B 118 -16.25 20.46 3.54
N TYR B 119 -15.14 20.06 2.91
CA TYR B 119 -15.25 19.32 1.65
C TYR B 119 -15.93 17.98 1.87
N ALA B 120 -15.67 17.33 3.00
CA ALA B 120 -16.37 16.09 3.34
C ALA B 120 -17.87 16.24 3.19
N LYS B 121 -18.44 17.32 3.72
CA LYS B 121 -19.89 17.50 3.76
C LYS B 121 -20.52 17.72 2.38
N SER B 122 -19.74 18.00 1.35
CA SER B 122 -20.29 18.19 0.00
C SER B 122 -20.29 16.91 -0.84
N ILE B 123 -19.80 15.80 -0.31
CA ILE B 123 -19.87 14.52 -1.01
C ILE B 123 -21.25 13.91 -0.75
N PRO B 124 -22.02 13.57 -1.79
CA PRO B 124 -23.40 13.14 -1.58
C PRO B 124 -23.47 11.98 -0.60
N GLY B 125 -24.45 12.04 0.29
CA GLY B 125 -24.59 11.00 1.28
C GLY B 125 -23.62 11.06 2.43
N PHE B 126 -22.63 11.95 2.40
CA PHE B 126 -21.73 12.04 3.55
C PHE B 126 -22.44 12.59 4.78
N VAL B 127 -23.20 13.68 4.63
CA VAL B 127 -23.92 14.26 5.76
C VAL B 127 -24.99 13.31 6.32
N ASN B 128 -25.48 12.36 5.50
CA ASN B 128 -26.50 11.38 5.88
C ASN B 128 -25.93 10.12 6.52
N LEU B 129 -24.62 10.02 6.66
CA LEU B 129 -24.03 8.85 7.28
C LEU B 129 -24.17 8.90 8.79
N ASP B 130 -24.09 7.71 9.41
CA ASP B 130 -24.06 7.58 10.86
C ASP B 130 -23.01 8.51 11.45
N LEU B 131 -23.47 9.63 12.03
CA LEU B 131 -22.59 10.70 12.46
C LEU B 131 -21.42 10.20 13.31
N ASN B 132 -21.58 9.09 14.04
CA ASN B 132 -20.43 8.48 14.72
C ASN B 132 -19.33 8.06 13.76
N ASP B 133 -19.69 7.59 12.57
CA ASP B 133 -18.68 7.17 11.61
C ASP B 133 -18.17 8.29 10.74
N GLN B 134 -18.95 9.36 10.55
CA GLN B 134 -18.42 10.57 9.92
C GLN B 134 -17.15 11.02 10.62
N VAL B 135 -17.11 10.86 11.95
CA VAL B 135 -15.93 11.24 12.72
C VAL B 135 -14.78 10.26 12.48
N THR B 136 -15.08 8.96 12.39
CA THR B 136 -14.02 7.97 12.16
C THR B 136 -13.53 7.97 10.71
N LEU B 137 -14.34 8.50 9.79
CA LEU B 137 -13.87 8.71 8.43
C LEU B 137 -12.88 9.86 8.37
N LEU B 138 -13.24 10.99 9.01
CA LEU B 138 -12.29 12.10 9.09
C LEU B 138 -11.09 11.72 9.92
N LYS B 139 -11.28 10.98 11.01
CA LYS B 139 -10.17 10.75 11.94
C LYS B 139 -9.02 10.03 11.26
N TYR B 140 -9.33 9.08 10.38
CA TYR B 140 -8.31 8.28 9.70
C TYR B 140 -8.02 8.75 8.28
N GLY B 141 -9.00 9.38 7.63
CA GLY B 141 -8.82 9.87 6.27
C GLY B 141 -8.20 11.25 6.14
N VAL B 142 -8.01 11.99 7.22
CA VAL B 142 -7.69 13.41 7.10
C VAL B 142 -6.25 13.60 6.62
N HIS B 143 -5.28 12.93 7.24
CA HIS B 143 -3.89 13.16 6.88
C HIS B 143 -3.57 12.66 5.47
N GLU B 144 -4.13 11.50 5.10
CA GLU B 144 -4.03 11.00 3.73
C GLU B 144 -4.44 12.08 2.71
N ILE B 145 -5.48 12.86 3.02
CA ILE B 145 -5.83 13.96 2.12
C ILE B 145 -4.80 15.09 2.19
N ILE B 146 -4.24 15.33 3.38
CA ILE B 146 -3.28 16.41 3.52
C ILE B 146 -2.05 16.12 2.67
N TYR B 147 -1.60 14.88 2.72
CA TYR B 147 -0.42 14.51 1.96
C TYR B 147 -0.74 14.46 0.48
N THR B 148 -1.93 14.04 0.11
CA THR B 148 -2.35 14.13 -1.29
C THR B 148 -2.17 15.55 -1.81
N MET B 149 -2.79 16.50 -1.14
CA MET B 149 -2.77 17.83 -1.69
C MET B 149 -1.43 18.50 -1.42
N LEU B 150 -0.71 18.04 -0.38
CA LEU B 150 0.59 18.63 -0.09
C LEU B 150 1.55 18.40 -1.24
N ALA B 151 1.36 17.32 -2.00
CA ALA B 151 2.19 17.06 -3.16
C ALA B 151 1.98 18.13 -4.21
N SER B 152 0.78 18.72 -4.26
CA SER B 152 0.49 19.78 -5.21
C SER B 152 1.41 20.97 -5.00
N LEU B 153 1.71 21.32 -3.74
CA LEU B 153 2.59 22.46 -3.44
C LEU B 153 4.07 22.10 -3.49
N MET B 154 4.41 20.89 -3.90
CA MET B 154 5.76 20.40 -3.81
C MET B 154 6.36 20.19 -5.20
N ASN B 155 7.68 20.16 -5.23
CA ASN B 155 8.44 19.64 -6.36
C ASN B 155 9.78 19.16 -5.79
N LYS B 156 10.75 18.90 -6.68
CA LYS B 156 11.93 18.18 -6.22
C LYS B 156 12.65 18.90 -5.08
N ASP B 157 12.48 20.22 -4.95
CA ASP B 157 13.38 21.00 -4.12
C ASP B 157 12.76 21.60 -2.88
N GLY B 158 11.45 21.81 -2.87
CA GLY B 158 10.79 22.34 -1.69
C GLY B 158 9.29 22.39 -1.83
N VAL B 159 8.67 23.09 -0.89
CA VAL B 159 7.23 23.10 -0.73
C VAL B 159 6.77 24.55 -0.67
N LEU B 160 5.70 24.86 -1.40
CA LEU B 160 5.02 26.14 -1.18
C LEU B 160 4.40 26.16 0.20
N ILE B 161 4.73 27.19 0.97
CA ILE B 161 4.17 27.36 2.30
C ILE B 161 3.44 28.71 2.35
N SER B 162 2.67 28.88 3.44
CA SER B 162 1.91 30.09 3.75
C SER B 162 1.18 30.70 2.55
N GLU B 163 0.05 30.10 2.16
CA GLU B 163 -0.75 30.55 1.04
C GLU B 163 0.07 30.76 -0.23
N GLY B 164 1.21 30.11 -0.35
CA GLY B 164 1.98 30.23 -1.57
C GLY B 164 2.94 31.38 -1.58
N GLN B 165 3.07 32.07 -0.45
CA GLN B 165 3.92 33.24 -0.32
C GLN B 165 5.34 32.87 0.05
N GLY B 166 5.52 31.74 0.72
CA GLY B 166 6.81 31.15 0.97
C GLY B 166 7.11 30.00 0.01
N PHE B 167 8.38 29.60 0.04
CA PHE B 167 8.88 28.39 -0.59
C PHE B 167 10.02 27.84 0.25
N MET B 168 9.69 26.96 1.20
CA MET B 168 10.67 26.39 2.12
C MET B 168 11.37 25.20 1.50
N THR B 169 12.70 25.19 1.58
CA THR B 169 13.52 24.21 0.87
C THR B 169 13.42 22.82 1.48
N ARG B 170 13.50 21.80 0.60
CA ARG B 170 13.60 20.41 1.06
C ARG B 170 14.95 20.14 1.71
N GLU B 171 16.04 20.64 1.13
CA GLU B 171 17.35 20.44 1.76
C GLU B 171 17.38 21.07 3.14
N PHE B 172 16.94 22.32 3.24
CA PHE B 172 16.92 22.97 4.55
C PHE B 172 16.11 22.16 5.55
N LEU B 173 15.02 21.52 5.12
CA LEU B 173 14.23 20.71 6.06
C LEU B 173 14.94 19.42 6.45
N LYS B 174 15.70 18.84 5.52
CA LYS B 174 16.45 17.63 5.84
C LYS B 174 17.56 17.95 6.83
N SER B 175 18.20 19.09 6.64
CA SER B 175 19.14 19.65 7.61
C SER B 175 18.38 20.42 8.69
N LEU B 176 17.54 19.69 9.42
CA LEU B 176 17.04 20.16 10.70
C LEU B 176 17.58 19.25 11.79
N ARG B 177 17.25 19.59 13.04
CA ARG B 177 17.62 18.75 14.18
C ARG B 177 17.12 17.32 14.00
N LYS B 178 17.94 16.38 14.47
CA LYS B 178 17.74 14.93 14.28
C LYS B 178 16.30 14.43 14.46
N PRO B 179 15.55 14.78 15.51
CA PRO B 179 14.18 14.26 15.62
C PRO B 179 13.26 14.75 14.50
N PHE B 180 13.52 15.95 13.98
CA PHE B 180 12.72 16.56 12.92
C PHE B 180 13.37 16.46 11.55
N GLY B 181 14.63 16.06 11.47
CA GLY B 181 15.35 15.92 10.22
C GLY B 181 14.69 15.01 9.20
N ASP B 182 13.53 14.44 9.55
CA ASP B 182 12.86 13.50 8.68
C ASP B 182 11.35 13.51 8.94
N PHE B 183 10.76 14.70 9.10
CA PHE B 183 9.31 14.85 9.07
C PHE B 183 8.78 15.10 7.66
N MET B 184 9.30 16.11 6.98
CA MET B 184 8.83 16.36 5.62
C MET B 184 9.48 15.44 4.61
N GLU B 185 10.74 15.06 4.80
CA GLU B 185 11.43 14.35 3.72
C GLU B 185 10.72 13.10 3.22
N PRO B 186 10.09 12.26 4.06
CA PRO B 186 9.27 11.19 3.49
C PRO B 186 8.15 11.70 2.61
N LYS B 187 7.48 12.78 3.03
CA LYS B 187 6.41 13.35 2.22
C LYS B 187 6.94 13.87 0.87
N PHE B 188 8.18 14.34 0.83
CA PHE B 188 8.73 14.75 -0.45
C PHE B 188 8.96 13.56 -1.36
N GLU B 189 9.38 12.41 -0.79
CA GLU B 189 9.65 11.24 -1.63
C GLU B 189 8.38 10.69 -2.25
N PHE B 190 7.26 10.82 -1.54
CA PHE B 190 5.97 10.38 -2.06
C PHE B 190 5.50 11.36 -3.12
N ALA B 191 5.47 12.64 -2.76
CA ALA B 191 4.97 13.68 -3.64
C ALA B 191 5.58 13.56 -5.03
N VAL B 192 6.89 13.33 -5.08
CA VAL B 192 7.59 13.24 -6.37
C VAL B 192 7.01 12.09 -7.18
N LYS B 193 6.86 10.92 -6.55
CA LYS B 193 6.22 9.76 -7.19
C LYS B 193 4.78 10.08 -7.57
N PHE B 194 4.05 10.75 -6.68
CA PHE B 194 2.63 10.96 -6.92
C PHE B 194 2.41 11.98 -8.04
N ASN B 195 3.12 13.12 -7.98
CA ASN B 195 2.92 14.17 -8.97
C ASN B 195 3.28 13.76 -10.39
N ALA B 196 4.09 12.71 -10.55
CA ALA B 196 4.48 12.23 -11.88
C ALA B 196 3.31 11.67 -12.67
N LEU B 197 2.19 11.38 -12.02
CA LEU B 197 0.99 10.98 -12.71
C LEU B 197 0.29 12.16 -13.39
N GLU B 198 0.59 13.38 -13.00
CA GLU B 198 0.00 14.57 -13.61
C GLU B 198 -1.51 14.60 -13.44
N LEU B 199 -1.98 14.29 -12.23
CA LEU B 199 -3.38 14.50 -11.89
C LEU B 199 -3.71 15.99 -11.84
N ASP B 200 -4.91 16.39 -12.27
CA ASP B 200 -5.23 17.79 -12.13
C ASP B 200 -6.33 17.93 -11.09
N ASP B 201 -6.76 19.16 -10.85
CA ASP B 201 -7.72 19.39 -9.79
C ASP B 201 -9.01 18.61 -10.00
N SER B 202 -9.48 18.50 -11.24
CA SER B 202 -10.69 17.72 -11.51
C SER B 202 -10.47 16.26 -11.17
N ASP B 203 -9.27 15.73 -11.45
CA ASP B 203 -8.95 14.33 -11.06
C ASP B 203 -8.97 14.27 -9.54
N LEU B 204 -7.94 14.84 -8.90
CA LEU B 204 -7.82 14.95 -7.45
C LEU B 204 -9.13 15.06 -6.66
N ALA B 205 -10.03 15.96 -7.09
CA ALA B 205 -11.32 16.09 -6.42
C ALA B 205 -11.96 14.73 -6.15
N ILE B 206 -12.12 13.91 -7.20
CA ILE B 206 -12.78 12.61 -7.05
C ILE B 206 -11.92 11.65 -6.24
N PHE B 207 -10.59 11.70 -6.46
CA PHE B 207 -9.69 10.80 -5.76
C PHE B 207 -9.68 11.05 -4.27
N ILE B 208 -9.96 12.28 -3.85
CA ILE B 208 -9.91 12.48 -2.41
C ILE B 208 -11.26 12.14 -1.80
N ALA B 209 -12.35 12.30 -2.55
CA ALA B 209 -13.60 11.71 -2.09
C ALA B 209 -13.42 10.22 -1.81
N VAL B 210 -12.83 9.49 -2.77
CA VAL B 210 -12.57 8.06 -2.58
C VAL B 210 -11.86 7.80 -1.27
N ILE B 211 -10.72 8.46 -1.02
CA ILE B 211 -9.95 8.19 0.19
C ILE B 211 -10.79 8.39 1.43
N ILE B 212 -11.70 9.38 1.40
CA ILE B 212 -12.47 9.71 2.59
C ILE B 212 -13.44 8.58 2.93
N LEU B 213 -14.30 8.21 1.97
CA LEU B 213 -15.19 7.04 2.05
C LEU B 213 -14.39 5.74 1.90
N SER B 214 -14.04 5.12 3.03
CA SER B 214 -13.34 3.85 2.99
C SER B 214 -14.22 2.76 3.58
N GLY B 215 -13.80 2.14 4.68
CA GLY B 215 -14.46 0.95 5.16
C GLY B 215 -13.49 0.13 5.97
N ASP B 216 -12.27 0.06 5.45
CA ASP B 216 -11.14 -0.52 6.17
C ASP B 216 -10.86 0.20 7.47
N ARG B 217 -11.33 1.44 7.63
CA ARG B 217 -10.98 2.20 8.82
C ARG B 217 -11.40 1.41 10.05
N PRO B 218 -10.61 1.46 11.12
CA PRO B 218 -10.97 0.74 12.35
C PRO B 218 -12.19 1.36 13.02
N GLY B 219 -13.09 0.48 13.48
CA GLY B 219 -14.19 0.93 14.30
C GLY B 219 -15.33 1.59 13.55
N LEU B 220 -15.40 1.40 12.24
CA LEU B 220 -16.59 1.80 11.50
C LEU B 220 -17.77 0.95 11.93
N LEU B 221 -18.92 1.58 12.06
CA LEU B 221 -20.11 0.87 12.54
C LEU B 221 -20.88 0.35 11.33
N ASN B 222 -21.44 1.27 10.55
CA ASN B 222 -22.14 0.94 9.33
C ASN B 222 -21.15 0.99 8.16
N VAL B 223 -20.35 -0.08 8.04
CA VAL B 223 -19.47 -0.20 6.89
C VAL B 223 -20.25 -0.42 5.60
N LYS B 224 -21.49 -0.95 5.68
CA LYS B 224 -22.23 -1.23 4.44
C LYS B 224 -22.53 0.00 3.60
N PRO B 225 -23.01 1.14 4.16
CA PRO B 225 -23.29 2.30 3.29
C PRO B 225 -22.07 3.12 2.94
N ILE B 226 -20.93 2.88 3.59
CA ILE B 226 -19.69 3.58 3.26
C ILE B 226 -19.04 2.96 2.02
N GLU B 227 -19.14 1.63 1.91
CA GLU B 227 -18.63 0.94 0.73
C GLU B 227 -19.51 1.19 -0.49
N ASP B 228 -20.79 1.49 -0.28
CA ASP B 228 -21.69 1.78 -1.39
C ASP B 228 -21.29 3.04 -2.11
N ILE B 229 -20.98 4.10 -1.37
CA ILE B 229 -20.68 5.40 -1.98
C ILE B 229 -19.31 5.39 -2.64
N GLN B 230 -18.36 4.67 -2.04
CA GLN B 230 -17.01 4.62 -2.61
C GLN B 230 -17.06 4.03 -4.02
N ASP B 231 -17.93 3.03 -4.24
CA ASP B 231 -18.04 2.46 -5.58
C ASP B 231 -18.52 3.51 -6.60
N ASN B 232 -19.42 4.41 -6.18
CA ASN B 232 -19.84 5.50 -7.06
C ASN B 232 -18.65 6.38 -7.43
N LEU B 233 -17.91 6.85 -6.43
CA LEU B 233 -16.73 7.67 -6.68
C LEU B 233 -15.69 6.91 -7.50
N LEU B 234 -15.39 5.68 -7.08
CA LEU B 234 -14.48 4.81 -7.82
C LEU B 234 -14.91 4.67 -9.28
N GLN B 235 -16.20 4.51 -9.53
CA GLN B 235 -16.62 4.51 -10.93
C GLN B 235 -16.46 5.90 -11.54
N ALA B 236 -16.94 6.95 -10.86
CA ALA B 236 -16.76 8.30 -11.39
C ALA B 236 -15.28 8.64 -11.51
N LEU B 237 -14.43 8.07 -10.63
CA LEU B 237 -13.00 8.25 -10.76
C LEU B 237 -12.45 7.54 -11.98
N GLU B 238 -12.84 6.27 -12.17
CA GLU B 238 -12.32 5.49 -13.28
C GLU B 238 -12.69 6.11 -14.63
N LEU B 239 -13.93 6.62 -14.73
CA LEU B 239 -14.37 7.25 -15.97
C LEU B 239 -13.68 8.60 -16.19
N GLN B 240 -13.69 9.45 -15.16
CA GLN B 240 -12.95 10.71 -15.19
C GLN B 240 -11.53 10.51 -15.70
N LEU B 241 -10.84 9.49 -15.19
CA LEU B 241 -9.45 9.27 -15.56
C LEU B 241 -9.31 8.91 -17.03
N LYS B 242 -10.24 8.08 -17.55
CA LYS B 242 -10.17 7.68 -18.95
C LYS B 242 -10.47 8.86 -19.89
N LEU B 243 -11.42 9.73 -19.49
CA LEU B 243 -11.69 10.95 -20.25
C LEU B 243 -10.50 11.90 -20.26
N ASN B 244 -10.01 12.28 -19.09
CA ASN B 244 -9.00 13.34 -19.02
C ASN B 244 -7.59 12.84 -19.36
N HIS B 245 -7.32 11.56 -19.14
CA HIS B 245 -5.97 11.01 -19.42
C HIS B 245 -6.11 9.72 -20.22
N PRO B 246 -6.64 9.74 -21.46
CA PRO B 246 -6.80 8.51 -22.24
C PRO B 246 -5.49 7.98 -22.82
N GLU B 247 -4.58 8.86 -23.20
CA GLU B 247 -3.23 8.51 -23.64
C GLU B 247 -2.42 7.86 -22.53
N SER B 248 -2.99 7.63 -21.35
CA SER B 248 -2.29 6.98 -20.24
C SER B 248 -3.15 5.82 -19.74
N SER B 249 -2.76 4.61 -20.11
CA SER B 249 -3.48 3.42 -19.73
C SER B 249 -3.01 2.95 -18.36
N GLN B 250 -3.92 2.23 -17.69
CA GLN B 250 -3.75 1.77 -16.31
C GLN B 250 -3.35 2.91 -15.39
N LEU B 251 -3.89 4.10 -15.66
CA LEU B 251 -3.82 5.20 -14.71
C LEU B 251 -4.72 4.98 -13.51
N PHE B 252 -5.98 4.63 -13.74
CA PHE B 252 -6.86 4.30 -12.63
C PHE B 252 -6.22 3.23 -11.78
N ALA B 253 -5.55 2.28 -12.43
CA ALA B 253 -4.82 1.23 -11.73
C ALA B 253 -3.64 1.79 -10.92
N LYS B 254 -2.92 2.79 -11.44
CA LYS B 254 -1.72 3.26 -10.74
C LYS B 254 -2.07 4.14 -9.54
N LEU B 255 -3.21 4.83 -9.62
CA LEU B 255 -3.60 5.74 -8.56
C LEU B 255 -3.99 4.97 -7.28
N LEU B 256 -4.66 3.83 -7.44
CA LEU B 256 -5.10 3.06 -6.26
C LEU B 256 -3.93 2.49 -5.47
N GLN B 257 -2.79 2.24 -6.10
CA GLN B 257 -1.66 1.76 -5.32
C GLN B 257 -1.08 2.85 -4.44
N LYS B 258 -1.19 4.09 -4.90
CA LYS B 258 -0.85 5.23 -4.07
C LYS B 258 -1.68 5.29 -2.80
N MET B 259 -2.96 4.91 -2.87
CA MET B 259 -3.85 5.04 -1.70
C MET B 259 -3.35 4.25 -0.51
N THR B 260 -2.65 3.16 -0.77
CA THR B 260 -2.05 2.40 0.31
C THR B 260 -0.78 3.09 0.83
N ASP B 261 0.13 3.49 -0.08
CA ASP B 261 1.28 4.30 0.30
C ASP B 261 0.93 5.44 1.25
N LEU B 262 -0.25 6.06 1.06
CA LEU B 262 -0.73 7.10 1.96
C LEU B 262 -0.77 6.62 3.41
N ARG B 263 -1.36 5.43 3.64
CA ARG B 263 -1.46 4.92 5.01
C ARG B 263 -0.10 4.59 5.62
N GLN B 264 0.89 4.25 4.78
CA GLN B 264 2.24 4.10 5.32
C GLN B 264 2.83 5.44 5.75
N ILE B 265 2.60 6.51 4.98
CA ILE B 265 3.02 7.82 5.44
C ILE B 265 2.39 8.13 6.79
N VAL B 266 1.06 8.13 6.84
CA VAL B 266 0.35 8.49 8.07
C VAL B 266 0.93 7.73 9.26
N THR B 267 0.94 6.40 9.17
CA THR B 267 1.41 5.55 10.26
C THR B 267 2.79 5.99 10.74
N GLU B 268 3.79 5.86 9.87
CA GLU B 268 5.15 6.19 10.26
C GLU B 268 5.23 7.60 10.86
N HIS B 269 4.46 8.54 10.30
CA HIS B 269 4.42 9.90 10.83
C HIS B 269 3.74 9.92 12.19
N VAL B 270 2.66 9.15 12.36
CA VAL B 270 1.98 9.07 13.64
C VAL B 270 2.95 8.58 14.72
N GLN B 271 3.69 7.51 14.41
CA GLN B 271 4.54 6.91 15.44
C GLN B 271 5.82 7.70 15.66
N LEU B 272 6.30 8.43 14.64
CA LEU B 272 7.47 9.27 14.87
C LEU B 272 7.10 10.56 15.58
N LEU B 273 5.87 11.01 15.41
CA LEU B 273 5.39 12.12 16.23
C LEU B 273 5.35 11.76 17.71
N GLN B 274 5.04 10.50 18.02
CA GLN B 274 4.99 10.08 19.42
C GLN B 274 6.38 10.08 20.06
N VAL B 275 7.42 9.66 19.30
CA VAL B 275 8.79 9.78 19.78
C VAL B 275 9.11 11.21 20.15
N ILE B 276 8.51 12.18 19.47
CA ILE B 276 8.74 13.57 19.84
C ILE B 276 8.11 13.87 21.20
N LYS B 277 6.92 13.32 21.47
CA LYS B 277 6.26 13.56 22.76
C LYS B 277 7.06 13.01 23.93
N LYS B 278 8.07 12.18 23.68
CA LYS B 278 8.84 11.59 24.76
C LYS B 278 10.14 12.33 25.04
N THR B 279 10.57 13.25 24.18
CA THR B 279 11.79 14.00 24.45
C THR B 279 11.61 15.51 24.43
N GLU B 280 10.42 16.00 24.03
CA GLU B 280 10.12 17.44 24.01
C GLU B 280 8.79 17.65 24.76
N THR B 281 8.85 17.59 26.09
CA THR B 281 7.68 17.95 26.90
C THR B 281 7.39 19.45 26.87
N ASP B 282 8.23 20.24 26.19
CA ASP B 282 8.04 21.67 25.98
C ASP B 282 7.10 21.97 24.81
N MET B 283 6.30 21.01 24.40
CA MET B 283 5.57 21.06 23.14
C MET B 283 4.07 21.14 23.44
N SER B 284 3.42 22.15 22.88
CA SER B 284 1.97 22.31 22.96
C SER B 284 1.39 21.90 21.61
N LEU B 285 0.80 20.70 21.54
CA LEU B 285 0.14 20.24 20.32
C LEU B 285 -1.32 20.68 20.32
N HIS B 286 -1.76 21.17 19.17
CA HIS B 286 -3.10 21.74 19.03
C HIS B 286 -4.15 20.71 19.42
N PRO B 287 -5.26 21.15 20.01
CA PRO B 287 -6.28 20.18 20.46
C PRO B 287 -6.93 19.40 19.34
N LEU B 288 -7.12 20.01 18.17
CA LEU B 288 -7.72 19.31 17.03
C LEU B 288 -6.80 18.20 16.52
N LEU B 289 -5.51 18.48 16.41
CA LEU B 289 -4.60 17.41 16.01
C LEU B 289 -4.50 16.36 17.10
N GLN B 290 -4.36 16.81 18.35
CA GLN B 290 -4.25 15.87 19.46
C GLN B 290 -5.51 15.03 19.60
N GLU B 291 -6.67 15.56 19.19
CA GLU B 291 -7.95 14.84 19.26
C GLU B 291 -8.00 13.64 18.34
N ILE B 292 -7.11 13.57 17.33
CA ILE B 292 -7.14 12.48 16.36
C ILE B 292 -5.84 11.69 16.34
N TYR B 293 -4.88 11.99 17.22
CA TYR B 293 -3.58 11.32 17.14
C TYR B 293 -3.57 10.06 18.02
N LYS B 294 -4.40 9.09 17.59
CA LYS B 294 -4.45 7.72 18.13
C LYS B 294 -4.04 6.73 17.04
N ASP B 295 -2.83 6.17 17.19
CA ASP B 295 -2.19 5.27 16.21
C ASP B 295 -3.00 4.03 15.89
N LEU B 296 -2.44 2.86 16.17
CA LEU B 296 -3.00 1.54 15.82
C LEU B 296 -3.76 1.57 14.48
N LYS C 3 27.69 -8.65 -8.07
CA LYS C 3 26.42 -8.74 -7.35
C LYS C 3 25.44 -9.64 -8.08
N ASN C 4 25.45 -9.56 -9.42
CA ASN C 4 24.44 -10.21 -10.26
C ASN C 4 24.24 -11.65 -9.83
N HIS C 5 23.05 -11.94 -9.30
CA HIS C 5 22.64 -13.14 -8.60
C HIS C 5 22.67 -14.40 -9.47
N PRO C 6 23.66 -15.29 -9.26
CA PRO C 6 23.88 -16.40 -10.18
C PRO C 6 22.85 -17.52 -10.11
N MET C 7 22.37 -17.80 -8.89
CA MET C 7 21.47 -18.93 -8.69
C MET C 7 20.18 -18.78 -9.49
N LEU C 8 19.64 -17.54 -9.54
CA LEU C 8 18.40 -17.30 -10.29
C LEU C 8 18.59 -17.48 -11.79
N MET C 9 19.70 -16.99 -12.36
CA MET C 9 19.89 -17.11 -13.80
C MET C 9 19.88 -18.56 -14.25
N ASN C 10 20.30 -19.48 -13.39
CA ASN C 10 20.28 -20.89 -13.74
C ASN C 10 18.88 -21.48 -13.59
N LEU C 11 18.00 -20.79 -12.86
CA LEU C 11 16.59 -21.14 -12.81
C LEU C 11 15.82 -20.61 -14.02
N LEU C 12 16.35 -19.61 -14.71
CA LEU C 12 15.77 -19.08 -15.93
C LEU C 12 16.21 -19.86 -17.17
N LYS C 13 17.51 -20.18 -17.28
CA LYS C 13 17.98 -20.89 -18.44
C LYS C 13 17.26 -22.23 -18.61
N ASP C 14 17.15 -23.00 -17.53
CA ASP C 14 16.63 -24.37 -17.60
C ASP C 14 15.13 -24.48 -17.88
N LYS D 3 -13.05 10.79 24.10
CA LYS D 3 -13.46 10.00 22.91
C LYS D 3 -14.84 10.55 22.41
N ASN D 4 -15.24 10.06 21.22
CA ASN D 4 -16.31 10.64 20.41
C ASN D 4 -16.04 12.13 20.14
N HIS D 5 -14.71 12.45 19.90
CA HIS D 5 -14.13 13.67 19.32
C HIS D 5 -15.07 14.87 19.05
N PRO D 6 -15.25 15.75 20.05
CA PRO D 6 -16.22 16.85 19.91
C PRO D 6 -15.93 17.85 18.78
N MET D 7 -14.64 18.30 18.65
CA MET D 7 -14.31 19.40 17.76
C MET D 7 -14.77 19.14 16.33
N LEU D 8 -14.51 17.92 15.85
CA LEU D 8 -14.87 17.53 14.48
C LEU D 8 -16.36 17.71 14.21
N MET D 9 -17.20 17.00 15.00
CA MET D 9 -18.64 17.26 15.03
C MET D 9 -18.95 18.73 14.84
N ASN D 10 -18.29 19.56 15.64
CA ASN D 10 -18.58 21.01 15.57
C ASN D 10 -18.34 21.48 14.15
N LEU D 11 -17.44 20.78 13.46
CA LEU D 11 -17.06 21.17 12.07
C LEU D 11 -18.07 20.59 11.08
N LEU D 12 -18.86 19.64 11.55
CA LEU D 12 -19.89 19.01 10.70
C LEU D 12 -21.21 19.75 10.91
N LYS D 13 -21.48 20.19 12.14
CA LYS D 13 -22.73 20.89 12.54
C LYS D 13 -23.15 21.93 11.50
N ASP D 14 -22.41 23.02 11.42
CA ASP D 14 -22.68 24.16 10.51
C ASP D 14 -24.03 23.97 9.80
#